data_6GYJ
#
_entry.id   6GYJ
#
_cell.length_a   159.555
_cell.length_b   88.378
_cell.length_c   68.391
_cell.angle_alpha   90.000
_cell.angle_beta   97.010
_cell.angle_gamma   90.000
#
_symmetry.space_group_name_H-M   'C 1 2 1'
#
loop_
_entity.id
_entity.type
_entity.pdbx_description
1 polymer 'Thymidylate synthase'
2 non-polymer 'SULFATE ION'
3 non-polymer 3,3-bis(4-hydroxyphenyl)-2-benzofuran-1-one
4 non-polymer 'DIMETHYL SULFOXIDE'
5 water water
#
_entity_poly.entity_id   1
_entity_poly.type   'polypeptide(L)'
_entity_poly.pdbx_seq_one_letter_code
;MLVVGSELQSDAQQLSAEAPRHGELQYLRQVEHILRCGFKKEDRTGTGTLSVFGMQARYSLRDEFPLLTTKRVFWKGVLE
ELLWFIKGSTNAKELSSKGVRIWDANGSRDFLDSLGFSARQEGDLGPVYGFQWRHFGAEYKDMDSDYSGQGVDQLQKVID
TIKTNPDDRRIIMCAWNPKDLPLMALPPCHALCQFYVVNGELSCQLYQRSGDMGLGVPFNIASYALLTYMIAHITGLQPG
DFVHTLGDAHIYLNHIEPLKIQLQREPRPFPKLKILRKVETIDDFKVEDFQIEGYNPHPTIKMEMAV
;
_entity_poly.pdbx_strand_id   A,B
#
loop_
_chem_comp.id
_chem_comp.type
_chem_comp.name
_chem_comp.formula
DMS non-polymer 'DIMETHYL SULFOXIDE' 'C2 H6 O S'
FGT non-polymer 3,3-bis(4-hydroxyphenyl)-2-benzofuran-1-one 'C20 H14 O4'
SO4 non-polymer 'SULFATE ION' 'O4 S -2'
#
# COMPACT_ATOMS: atom_id res chain seq x y z
N ARG A 21 25.57 6.80 -7.99
CA ARG A 21 24.41 7.44 -7.38
C ARG A 21 23.34 7.83 -8.42
N HIS A 22 23.53 7.41 -9.67
CA HIS A 22 22.43 7.46 -10.63
C HIS A 22 21.26 6.65 -10.10
N GLY A 23 20.05 7.24 -10.18
CA GLY A 23 18.88 6.61 -9.58
C GLY A 23 18.50 5.28 -10.21
N GLU A 24 18.87 5.07 -11.47
CA GLU A 24 18.51 3.80 -12.12
C GLU A 24 19.30 2.62 -11.55
N LEU A 25 20.40 2.88 -10.84
CA LEU A 25 21.17 1.77 -10.27
C LEU A 25 20.35 0.99 -9.23
N GLN A 26 19.39 1.65 -8.58
CA GLN A 26 18.49 0.94 -7.66
C GLN A 26 17.68 -0.12 -8.39
N TYR A 27 17.13 0.25 -9.55
CA TYR A 27 16.34 -0.69 -10.34
C TYR A 27 17.20 -1.85 -10.80
N LEU A 28 18.39 -1.55 -11.31
CA LEU A 28 19.31 -2.61 -11.72
C LEU A 28 19.64 -3.53 -10.56
N ARG A 29 19.85 -2.97 -9.38
CA ARG A 29 20.17 -3.83 -8.26
C ARG A 29 18.98 -4.67 -7.82
N GLN A 30 17.74 -4.18 -8.00
CA GLN A 30 16.57 -5.00 -7.72
C GLN A 30 16.50 -6.17 -8.69
N VAL A 31 16.75 -5.92 -9.97
CA VAL A 31 16.74 -7.00 -10.96
C VAL A 31 17.82 -8.02 -10.62
N GLU A 32 19.03 -7.54 -10.33
CA GLU A 32 20.10 -8.44 -9.93
C GLU A 32 19.69 -9.27 -8.73
N HIS A 33 19.02 -8.65 -7.77
CA HIS A 33 18.63 -9.38 -6.57
C HIS A 33 17.64 -10.49 -6.89
N ILE A 34 16.67 -10.22 -7.77
CA ILE A 34 15.69 -11.24 -8.09
C ILE A 34 16.36 -12.38 -8.86
N LEU A 35 17.30 -12.05 -9.74
CA LEU A 35 17.98 -13.08 -10.53
C LEU A 35 18.81 -14.00 -9.64
N ARG A 36 19.37 -13.46 -8.56
CA ARG A 36 20.25 -14.19 -7.65
C ARG A 36 19.50 -14.92 -6.55
N CYS A 37 18.44 -14.29 -5.99
CA CYS A 37 17.82 -14.79 -4.78
C CYS A 37 16.33 -15.05 -4.91
N GLY A 38 15.72 -14.68 -6.02
CA GLY A 38 14.31 -14.98 -6.20
C GLY A 38 14.05 -16.46 -6.31
N PHE A 39 12.82 -16.84 -5.99
CA PHE A 39 12.36 -18.22 -6.11
C PHE A 39 11.46 -18.37 -7.31
N LYS A 40 11.51 -19.55 -7.93
CA LYS A 40 10.58 -19.84 -9.00
C LYS A 40 9.15 -19.80 -8.47
N LYS A 41 8.28 -19.15 -9.23
CA LYS A 41 6.90 -18.97 -8.82
C LYS A 41 6.11 -18.66 -10.07
N GLU A 42 4.93 -19.27 -10.21
CA GLU A 42 4.20 -19.04 -11.44
C GLU A 42 3.00 -18.14 -11.27
N ASP A 43 2.58 -17.60 -12.39
CA ASP A 43 1.46 -16.67 -12.47
C ASP A 43 0.19 -17.43 -12.86
N ARG A 44 -0.84 -16.68 -13.23
CA ARG A 44 -2.16 -17.26 -13.45
C ARG A 44 -2.18 -18.23 -14.62
N THR A 45 -1.28 -18.07 -15.58
CA THR A 45 -1.22 -18.95 -16.75
C THR A 45 -0.35 -20.18 -16.52
N GLY A 46 0.30 -20.30 -15.35
CA GLY A 46 1.26 -21.35 -15.16
C GLY A 46 2.64 -21.04 -15.71
N THR A 47 2.87 -19.83 -16.17
CA THR A 47 4.17 -19.42 -16.67
C THR A 47 5.11 -19.07 -15.52
N GLY A 48 6.37 -19.48 -15.64
CA GLY A 48 7.30 -19.32 -14.54
C GLY A 48 7.90 -17.92 -14.47
N THR A 49 8.12 -17.47 -13.24
CA THR A 49 8.89 -16.27 -12.93
C THR A 49 9.92 -16.60 -11.86
N LEU A 50 10.88 -15.71 -11.70
CA LEU A 50 11.65 -15.61 -10.47
C LEU A 50 11.07 -14.44 -9.69
N SER A 51 10.85 -14.63 -8.39
CA SER A 51 10.04 -13.68 -7.65
C SER A 51 10.64 -13.43 -6.27
N VAL A 52 10.59 -12.16 -5.84
CA VAL A 52 10.89 -11.74 -4.48
C VAL A 52 9.69 -10.95 -3.97
N PHE A 53 9.33 -11.15 -2.71
CA PHE A 53 8.21 -10.41 -2.12
C PHE A 53 8.73 -9.27 -1.25
N GLY A 54 8.38 -8.05 -1.62
CA GLY A 54 8.69 -6.87 -0.84
C GLY A 54 10.01 -6.22 -1.24
N MET A 55 9.94 -5.11 -1.98
CA MET A 55 11.10 -4.34 -2.40
C MET A 55 10.74 -2.86 -2.31
N GLN A 56 11.76 -2.01 -2.28
CA GLN A 56 11.51 -0.57 -2.26
C GLN A 56 12.69 0.15 -2.90
N ALA A 57 12.36 1.19 -3.68
CA ALA A 57 13.36 2.07 -4.27
C ALA A 57 12.87 3.51 -4.19
N ARG A 58 13.81 4.45 -4.19
CA ARG A 58 13.50 5.87 -4.13
C ARG A 58 14.12 6.56 -5.34
N TYR A 59 13.28 7.22 -6.15
CA TYR A 59 13.74 7.96 -7.31
C TYR A 59 13.55 9.44 -7.07
N SER A 60 14.64 10.20 -7.12
CA SER A 60 14.53 11.65 -6.96
C SER A 60 13.85 12.23 -8.19
N LEU A 61 13.00 13.21 -7.96
CA LEU A 61 12.32 13.97 -9.02
C LEU A 61 12.88 15.37 -9.14
N ARG A 62 13.98 15.67 -8.47
CA ARG A 62 14.49 17.03 -8.34
C ARG A 62 15.39 17.35 -9.53
N ASP A 63 14.89 18.21 -10.41
N ASP A 63 14.88 18.22 -10.41
CA ASP A 63 15.60 18.63 -11.63
CA ASP A 63 15.55 18.63 -11.65
C ASP A 63 15.92 17.47 -12.56
C ASP A 63 15.96 17.44 -12.51
N GLU A 64 15.19 16.36 -12.44
CA GLU A 64 15.35 15.26 -13.38
C GLU A 64 14.12 14.37 -13.27
N PHE A 65 13.99 13.47 -14.23
CA PHE A 65 12.80 12.65 -14.38
C PHE A 65 13.23 11.21 -14.60
N PRO A 66 12.83 10.28 -13.75
CA PRO A 66 13.31 8.89 -13.79
C PRO A 66 12.65 8.03 -14.87
N LEU A 67 12.95 8.37 -16.13
CA LEU A 67 12.56 7.57 -17.30
C LEU A 67 13.75 6.68 -17.65
N LEU A 68 13.59 5.36 -17.44
CA LEU A 68 14.76 4.49 -17.41
C LEU A 68 15.49 4.51 -18.74
N THR A 69 16.81 4.37 -18.68
CA THR A 69 17.66 4.50 -19.86
C THR A 69 18.35 3.22 -20.30
N THR A 70 18.42 2.18 -19.46
CA THR A 70 19.04 0.96 -19.95
C THR A 70 18.12 0.17 -20.89
N LYS A 71 16.84 0.54 -20.97
CA LYS A 71 15.96 0.04 -22.02
C LYS A 71 14.87 1.08 -22.20
N ARG A 72 14.50 1.34 -23.45
CA ARG A 72 13.56 2.41 -23.71
C ARG A 72 12.21 2.13 -23.07
N VAL A 73 11.59 3.18 -22.51
CA VAL A 73 10.24 3.15 -21.96
C VAL A 73 9.29 3.85 -22.93
N PHE A 74 8.07 3.33 -23.05
CA PHE A 74 7.07 3.84 -24.01
C PHE A 74 6.40 5.10 -23.45
N TRP A 75 7.12 6.23 -23.53
CA TRP A 75 6.67 7.47 -22.88
C TRP A 75 5.32 7.94 -23.41
N LYS A 76 5.12 7.83 -24.73
CA LYS A 76 3.81 8.20 -25.27
C LYS A 76 2.69 7.43 -24.58
N GLY A 77 2.92 6.13 -24.36
CA GLY A 77 1.95 5.34 -23.60
C GLY A 77 1.76 5.81 -22.17
N VAL A 78 2.88 6.10 -21.47
CA VAL A 78 2.80 6.61 -20.09
C VAL A 78 1.89 7.84 -20.04
N LEU A 79 2.18 8.82 -20.88
CA LEU A 79 1.48 10.10 -20.81
C LEU A 79 0.02 9.94 -21.17
N GLU A 80 -0.28 9.24 -22.28
CA GLU A 80 -1.68 9.10 -22.70
C GLU A 80 -2.49 8.24 -21.72
N GLU A 81 -1.90 7.17 -21.19
CA GLU A 81 -2.60 6.38 -20.18
C GLU A 81 -2.98 7.23 -18.99
N LEU A 82 -2.07 8.08 -18.51
CA LEU A 82 -2.35 8.88 -17.33
C LEU A 82 -3.45 9.91 -17.59
N LEU A 83 -3.43 10.54 -18.78
CA LEU A 83 -4.50 11.46 -19.12
C LEU A 83 -5.84 10.74 -19.21
N TRP A 84 -5.80 9.49 -19.68
CA TRP A 84 -7.00 8.66 -19.77
C TRP A 84 -7.52 8.30 -18.39
N PHE A 85 -6.63 7.96 -17.44
CA PHE A 85 -7.05 7.79 -16.05
C PHE A 85 -7.74 9.04 -15.52
N ILE A 86 -7.12 10.19 -15.75
CA ILE A 86 -7.55 11.44 -15.11
C ILE A 86 -8.97 11.79 -15.55
N LYS A 87 -9.30 11.55 -16.81
CA LYS A 87 -10.67 11.89 -17.20
C LYS A 87 -11.67 10.80 -16.82
N GLY A 88 -11.25 9.73 -16.15
CA GLY A 88 -12.18 8.76 -15.61
C GLY A 88 -12.62 7.69 -16.58
N SER A 89 -11.96 7.58 -17.74
CA SER A 89 -12.46 6.68 -18.77
C SER A 89 -12.17 5.24 -18.38
N THR A 90 -13.12 4.36 -18.70
CA THR A 90 -12.90 2.93 -18.60
C THR A 90 -13.06 2.26 -19.96
N ASN A 91 -12.93 3.03 -21.04
CA ASN A 91 -13.07 2.50 -22.38
C ASN A 91 -11.68 2.34 -23.01
N ALA A 92 -11.28 1.08 -23.24
CA ALA A 92 -9.98 0.84 -23.85
C ALA A 92 -9.87 1.50 -25.22
N LYS A 93 -11.00 1.65 -25.92
CA LYS A 93 -10.94 2.28 -27.24
C LYS A 93 -10.60 3.76 -27.15
N GLU A 94 -10.94 4.42 -26.05
CA GLU A 94 -10.61 5.83 -25.91
C GLU A 94 -9.12 6.03 -25.76
N LEU A 95 -8.43 5.08 -25.14
CA LEU A 95 -6.97 5.13 -25.12
C LEU A 95 -6.39 4.66 -26.46
N SER A 96 -6.93 3.57 -27.02
CA SER A 96 -6.41 3.03 -28.26
C SER A 96 -6.45 4.06 -29.37
N SER A 97 -7.45 4.94 -29.36
CA SER A 97 -7.57 5.96 -30.38
C SER A 97 -6.47 7.01 -30.30
N LYS A 98 -5.72 7.05 -29.20
CA LYS A 98 -4.54 7.90 -29.11
C LYS A 98 -3.28 7.21 -29.59
N GLY A 99 -3.40 5.99 -30.12
CA GLY A 99 -2.22 5.24 -30.53
C GLY A 99 -1.56 4.45 -29.43
N VAL A 100 -2.27 4.20 -28.34
CA VAL A 100 -1.75 3.48 -27.18
C VAL A 100 -2.67 2.29 -26.97
N ARG A 101 -2.18 1.11 -27.33
N ARG A 101 -2.19 1.10 -27.32
CA ARG A 101 -3.00 -0.09 -27.40
CA ARG A 101 -3.03 -0.09 -27.39
C ARG A 101 -2.68 -1.09 -26.30
C ARG A 101 -2.87 -1.03 -26.21
N ILE A 102 -2.12 -0.62 -25.18
CA ILE A 102 -1.72 -1.55 -24.11
C ILE A 102 -2.91 -2.16 -23.38
N TRP A 103 -4.05 -1.48 -23.36
CA TRP A 103 -5.23 -2.01 -22.67
C TRP A 103 -6.19 -2.76 -23.60
N ASP A 104 -5.89 -2.86 -24.90
CA ASP A 104 -6.91 -3.34 -25.84
C ASP A 104 -7.25 -4.81 -25.63
N ALA A 105 -6.26 -5.66 -25.35
CA ALA A 105 -6.53 -7.08 -25.15
C ALA A 105 -7.48 -7.31 -23.98
N ASN A 106 -7.39 -6.48 -22.93
CA ASN A 106 -8.24 -6.64 -21.77
C ASN A 106 -9.67 -6.19 -22.01
N GLY A 107 -9.94 -5.49 -23.10
CA GLY A 107 -11.29 -5.13 -23.49
C GLY A 107 -11.81 -5.87 -24.69
N SER A 108 -11.07 -6.85 -25.21
CA SER A 108 -11.50 -7.57 -26.40
C SER A 108 -12.79 -8.36 -26.13
N ARG A 109 -13.50 -8.66 -27.21
CA ARG A 109 -14.75 -9.42 -27.09
C ARG A 109 -14.51 -10.77 -26.43
N ASP A 110 -13.45 -11.47 -26.82
CA ASP A 110 -13.22 -12.81 -26.29
C ASP A 110 -12.84 -12.77 -24.82
N PHE A 111 -11.97 -11.83 -24.44
CA PHE A 111 -11.56 -11.74 -23.05
C PHE A 111 -12.73 -11.36 -22.16
N LEU A 112 -13.53 -10.37 -22.57
CA LEU A 112 -14.70 -9.98 -21.78
C LEU A 112 -15.69 -11.13 -21.67
N ASP A 113 -15.90 -11.87 -22.75
CA ASP A 113 -16.80 -13.02 -22.70
C ASP A 113 -16.30 -14.06 -21.71
N SER A 114 -15.00 -14.32 -21.71
CA SER A 114 -14.42 -15.31 -20.81
C SER A 114 -14.62 -14.95 -19.35
N LEU A 115 -14.80 -13.67 -19.03
CA LEU A 115 -15.06 -13.25 -17.66
C LEU A 115 -16.56 -13.19 -17.35
N GLY A 116 -17.41 -13.50 -18.32
CA GLY A 116 -18.85 -13.41 -18.11
C GLY A 116 -19.46 -12.06 -18.42
N PHE A 117 -18.73 -11.17 -19.09
CA PHE A 117 -19.23 -9.83 -19.41
C PHE A 117 -19.82 -9.79 -20.82
N SER A 118 -20.75 -10.72 -21.12
CA SER A 118 -21.33 -10.81 -22.45
C SER A 118 -22.04 -9.51 -22.85
N ALA A 119 -22.70 -8.86 -21.90
CA ALA A 119 -23.51 -7.69 -22.19
C ALA A 119 -22.69 -6.42 -22.38
N ARG A 120 -21.38 -6.47 -22.19
CA ARG A 120 -20.53 -5.29 -22.34
C ARG A 120 -20.17 -5.06 -23.80
N GLN A 121 -20.12 -3.79 -24.20
CA GLN A 121 -19.54 -3.44 -25.49
C GLN A 121 -18.04 -3.65 -25.44
N GLU A 122 -17.47 -3.99 -26.60
CA GLU A 122 -16.03 -4.18 -26.68
C GLU A 122 -15.31 -2.93 -26.21
N GLY A 123 -14.27 -3.11 -25.40
CA GLY A 123 -13.53 -2.01 -24.82
C GLY A 123 -13.89 -1.67 -23.39
N ASP A 124 -14.98 -2.22 -22.86
CA ASP A 124 -15.49 -1.85 -21.54
C ASP A 124 -14.74 -2.64 -20.47
N LEU A 125 -13.76 -1.99 -19.85
CA LEU A 125 -12.88 -2.64 -18.87
C LEU A 125 -13.53 -2.80 -17.50
N GLY A 126 -14.69 -2.21 -17.27
CA GLY A 126 -15.27 -2.16 -15.95
C GLY A 126 -14.69 -1.05 -15.11
N PRO A 127 -14.99 -1.06 -13.81
CA PRO A 127 -14.60 0.07 -12.95
C PRO A 127 -13.14 0.01 -12.53
N VAL A 128 -12.26 0.24 -13.51
CA VAL A 128 -10.82 0.20 -13.27
C VAL A 128 -10.32 1.59 -12.87
N TYR A 129 -9.02 1.82 -13.00
CA TYR A 129 -8.36 2.98 -12.39
C TYR A 129 -9.13 4.28 -12.47
N GLY A 130 -9.41 4.74 -13.70
CA GLY A 130 -10.02 6.06 -13.84
C GLY A 130 -11.30 6.19 -13.06
N PHE A 131 -12.11 5.13 -13.03
CA PHE A 131 -13.37 5.15 -12.30
C PHE A 131 -13.13 5.23 -10.80
N GLN A 132 -12.21 4.42 -10.29
CA GLN A 132 -11.96 4.44 -8.84
C GLN A 132 -11.34 5.77 -8.41
N TRP A 133 -10.48 6.35 -9.26
CA TRP A 133 -9.82 7.60 -8.90
C TRP A 133 -10.80 8.76 -8.79
N ARG A 134 -11.79 8.81 -9.68
CA ARG A 134 -12.69 9.95 -9.77
C ARG A 134 -14.07 9.70 -9.17
N HIS A 135 -14.47 8.43 -9.01
CA HIS A 135 -15.84 8.08 -8.63
C HIS A 135 -15.89 6.90 -7.68
N PHE A 136 -14.92 6.78 -6.77
CA PHE A 136 -14.88 5.62 -5.88
C PHE A 136 -16.21 5.46 -5.13
N GLY A 137 -16.72 4.22 -5.11
CA GLY A 137 -17.95 3.90 -4.41
C GLY A 137 -19.23 4.12 -5.21
N ALA A 138 -19.16 4.78 -6.36
CA ALA A 138 -20.34 4.91 -7.21
C ALA A 138 -20.66 3.55 -7.84
N GLU A 139 -21.92 3.39 -8.24
CA GLU A 139 -22.36 2.12 -8.83
C GLU A 139 -22.03 2.13 -10.31
N TYR A 140 -21.23 1.16 -10.75
CA TYR A 140 -20.85 1.06 -12.15
C TYR A 140 -21.99 0.42 -12.94
N LYS A 141 -22.31 1.01 -14.09
CA LYS A 141 -23.23 0.40 -15.04
C LYS A 141 -22.49 -0.03 -16.30
N ASP A 142 -22.10 0.90 -17.17
CA ASP A 142 -21.14 0.58 -18.23
C ASP A 142 -20.24 1.78 -18.48
N MET A 143 -19.36 1.63 -19.49
CA MET A 143 -18.33 2.63 -19.75
C MET A 143 -18.86 3.90 -20.40
N ASP A 144 -20.10 3.90 -20.89
CA ASP A 144 -20.69 5.10 -21.47
C ASP A 144 -21.62 5.82 -20.52
N SER A 145 -21.85 5.28 -19.32
CA SER A 145 -22.71 5.98 -18.38
C SER A 145 -22.09 7.31 -17.97
N ASP A 146 -22.94 8.20 -17.47
CA ASP A 146 -22.50 9.46 -16.90
C ASP A 146 -22.37 9.28 -15.39
N TYR A 147 -21.15 9.47 -14.88
CA TYR A 147 -20.87 9.32 -13.46
C TYR A 147 -20.58 10.66 -12.79
N SER A 148 -20.92 11.77 -13.45
CA SER A 148 -20.69 13.11 -12.91
C SER A 148 -21.26 13.24 -11.50
N GLY A 149 -20.43 13.70 -10.56
CA GLY A 149 -20.84 13.93 -9.21
C GLY A 149 -21.05 12.70 -8.36
N GLN A 150 -20.86 11.51 -8.92
CA GLN A 150 -21.07 10.26 -8.20
C GLN A 150 -19.76 9.74 -7.62
N GLY A 151 -19.83 9.22 -6.40
CA GLY A 151 -18.66 8.62 -5.76
C GLY A 151 -17.68 9.67 -5.26
N VAL A 152 -16.55 9.16 -4.74
CA VAL A 152 -15.53 10.02 -4.14
C VAL A 152 -14.50 10.36 -5.21
N ASP A 153 -14.31 11.66 -5.46
CA ASP A 153 -13.27 12.11 -6.37
C ASP A 153 -11.99 12.16 -5.57
N GLN A 154 -11.32 11.01 -5.51
CA GLN A 154 -10.08 10.90 -4.75
C GLN A 154 -9.00 11.84 -5.26
N LEU A 155 -8.90 11.96 -6.59
CA LEU A 155 -7.81 12.75 -7.17
C LEU A 155 -7.93 14.21 -6.80
N GLN A 156 -9.12 14.79 -6.96
CA GLN A 156 -9.30 16.18 -6.54
C GLN A 156 -9.17 16.34 -5.03
N LYS A 157 -9.58 15.33 -4.24
CA LYS A 157 -9.40 15.41 -2.80
C LYS A 157 -7.93 15.49 -2.42
N VAL A 158 -7.09 14.70 -3.09
CA VAL A 158 -5.65 14.74 -2.81
C VAL A 158 -5.09 16.12 -3.11
N ILE A 159 -5.45 16.66 -4.27
CA ILE A 159 -4.99 18.00 -4.66
C ILE A 159 -5.45 19.03 -3.64
N ASP A 160 -6.75 18.97 -3.26
CA ASP A 160 -7.30 19.90 -2.27
C ASP A 160 -6.53 19.83 -0.95
N THR A 161 -6.26 18.62 -0.47
CA THR A 161 -5.61 18.48 0.83
C THR A 161 -4.17 18.96 0.77
N ILE A 162 -3.49 18.72 -0.36
CA ILE A 162 -2.11 19.20 -0.48
C ILE A 162 -2.06 20.72 -0.38
N LYS A 163 -3.02 21.41 -1.01
CA LYS A 163 -3.06 22.87 -0.97
C LYS A 163 -3.33 23.40 0.44
N THR A 164 -4.29 22.80 1.14
CA THR A 164 -4.76 23.38 2.39
C THR A 164 -4.09 22.80 3.63
N ASN A 165 -3.66 21.54 3.60
CA ASN A 165 -3.08 20.89 4.78
C ASN A 165 -1.90 20.00 4.36
N PRO A 166 -0.80 20.60 3.90
CA PRO A 166 0.33 19.79 3.40
C PRO A 166 0.95 18.85 4.44
N ASP A 167 0.75 19.10 5.74
CA ASP A 167 1.23 18.18 6.77
C ASP A 167 0.42 16.88 6.85
N ASP A 168 -0.73 16.81 6.16
CA ASP A 168 -1.65 15.69 6.34
C ASP A 168 -0.96 14.37 6.05
N ARG A 169 -1.21 13.38 6.91
CA ARG A 169 -0.63 12.05 6.74
C ARG A 169 -1.64 11.06 6.16
N ARG A 170 -2.75 11.55 5.60
CA ARG A 170 -3.81 10.71 5.05
C ARG A 170 -4.09 11.00 3.58
N ILE A 171 -3.10 11.56 2.86
CA ILE A 171 -3.29 11.97 1.47
C ILE A 171 -3.13 10.75 0.58
N ILE A 172 -4.21 9.99 0.42
CA ILE A 172 -4.13 8.69 -0.23
C ILE A 172 -5.17 8.64 -1.36
N MET A 173 -4.77 8.05 -2.47
CA MET A 173 -5.68 7.70 -3.57
C MET A 173 -5.61 6.20 -3.73
N CYS A 174 -6.75 5.52 -3.65
CA CYS A 174 -6.76 4.06 -3.55
C CYS A 174 -7.59 3.53 -4.70
N ALA A 175 -6.96 2.79 -5.62
CA ALA A 175 -7.71 2.13 -6.68
C ALA A 175 -8.23 0.76 -6.27
N TRP A 176 -7.67 0.18 -5.22
CA TRP A 176 -8.12 -1.13 -4.75
C TRP A 176 -9.51 -1.01 -4.13
N ASN A 177 -10.51 -1.58 -4.79
CA ASN A 177 -11.90 -1.49 -4.32
C ASN A 177 -12.45 -2.91 -4.23
N PRO A 178 -12.42 -3.50 -3.03
CA PRO A 178 -12.85 -4.90 -2.90
C PRO A 178 -14.26 -5.15 -3.40
N LYS A 179 -15.16 -4.18 -3.26
CA LYS A 179 -16.54 -4.35 -3.71
C LYS A 179 -16.61 -4.47 -5.22
N ASP A 180 -15.80 -3.68 -5.92
CA ASP A 180 -15.81 -3.60 -7.39
C ASP A 180 -14.91 -4.62 -8.06
N LEU A 181 -14.00 -5.29 -7.34
CA LEU A 181 -13.07 -6.21 -7.98
C LEU A 181 -13.71 -7.19 -8.97
N PRO A 182 -14.85 -7.84 -8.67
CA PRO A 182 -15.42 -8.78 -9.64
C PRO A 182 -15.85 -8.15 -10.95
N LEU A 183 -16.05 -6.83 -10.99
CA LEU A 183 -16.48 -6.19 -12.23
C LEU A 183 -15.31 -5.78 -13.13
N MET A 184 -14.07 -5.86 -12.63
CA MET A 184 -12.93 -5.32 -13.36
C MET A 184 -12.36 -6.36 -14.32
N ALA A 185 -11.97 -5.89 -15.52
CA ALA A 185 -11.27 -6.78 -16.42
C ALA A 185 -9.96 -7.24 -15.82
N LEU A 186 -9.41 -6.46 -14.88
CA LEU A 186 -8.11 -6.68 -14.23
C LEU A 186 -8.10 -5.89 -12.92
N PRO A 187 -7.85 -6.52 -11.77
CA PRO A 187 -7.70 -5.74 -10.54
C PRO A 187 -6.43 -4.91 -10.59
N PRO A 188 -6.43 -3.72 -10.01
CA PRO A 188 -5.28 -2.81 -10.19
C PRO A 188 -3.99 -3.42 -9.64
N CYS A 189 -2.93 -3.31 -10.44
CA CYS A 189 -1.59 -3.59 -9.92
C CYS A 189 -1.09 -2.46 -9.01
N HIS A 190 -1.43 -1.21 -9.35
CA HIS A 190 -1.10 -0.06 -8.50
C HIS A 190 -2.27 0.18 -7.57
N ALA A 191 -2.17 -0.43 -6.39
CA ALA A 191 -3.31 -0.54 -5.49
C ALA A 191 -3.62 0.78 -4.81
N LEU A 192 -2.59 1.51 -4.39
CA LEU A 192 -2.82 2.82 -3.79
C LEU A 192 -1.54 3.59 -3.86
N CYS A 193 -1.68 4.91 -3.72
CA CYS A 193 -0.51 5.74 -3.52
C CYS A 193 -0.80 6.80 -2.48
N GLN A 194 0.27 7.32 -1.90
CA GLN A 194 0.19 8.29 -0.82
C GLN A 194 1.09 9.46 -1.20
N PHE A 195 0.64 10.66 -0.93
CA PHE A 195 1.46 11.84 -1.12
C PHE A 195 1.89 12.44 0.22
N TYR A 196 2.92 13.28 0.17
CA TYR A 196 3.63 13.74 1.35
C TYR A 196 4.28 15.07 1.00
N VAL A 197 4.26 16.03 1.93
CA VAL A 197 4.85 17.34 1.68
C VAL A 197 5.78 17.71 2.82
N VAL A 198 6.99 18.13 2.49
CA VAL A 198 7.86 18.79 3.45
C VAL A 198 8.78 19.70 2.65
N ASN A 199 9.20 20.82 3.27
CA ASN A 199 10.23 21.68 2.67
C ASN A 199 9.81 22.11 1.25
N GLY A 200 8.51 22.36 1.07
CA GLY A 200 8.00 22.79 -0.22
C GLY A 200 8.09 21.76 -1.33
N GLU A 201 8.28 20.49 -0.96
CA GLU A 201 8.48 19.42 -1.94
C GLU A 201 7.38 18.38 -1.79
N LEU A 202 6.87 17.91 -2.93
CA LEU A 202 5.81 16.90 -2.95
C LEU A 202 6.40 15.55 -3.33
N SER A 203 6.21 14.56 -2.46
CA SER A 203 6.67 13.20 -2.72
C SER A 203 5.45 12.30 -2.90
N CYS A 204 5.67 11.12 -3.48
CA CYS A 204 4.61 10.15 -3.75
C CYS A 204 5.15 8.75 -3.53
N GLN A 205 4.40 7.91 -2.80
CA GLN A 205 4.77 6.50 -2.66
C GLN A 205 3.66 5.65 -3.29
N LEU A 206 4.05 4.73 -4.16
CA LEU A 206 3.14 3.78 -4.78
C LEU A 206 3.28 2.41 -4.11
N TYR A 207 2.15 1.80 -3.77
CA TYR A 207 2.14 0.40 -3.36
C TYR A 207 1.71 -0.41 -4.57
N GLN A 208 2.65 -1.13 -5.19
CA GLN A 208 2.35 -1.93 -6.37
C GLN A 208 2.37 -3.41 -5.97
N ARG A 209 1.21 -4.06 -6.04
CA ARG A 209 1.08 -5.44 -5.52
C ARG A 209 1.87 -6.45 -6.33
N SER A 210 2.16 -6.14 -7.60
CA SER A 210 2.75 -7.10 -8.52
C SER A 210 3.49 -6.30 -9.58
N GLY A 211 4.77 -6.59 -9.79
CA GLY A 211 5.51 -5.84 -10.79
C GLY A 211 6.37 -6.74 -11.66
N ASP A 212 6.15 -6.68 -12.98
CA ASP A 212 7.01 -7.32 -13.97
C ASP A 212 8.22 -6.42 -14.18
N MET A 213 9.38 -6.84 -13.68
CA MET A 213 10.51 -5.92 -13.68
C MET A 213 10.96 -5.57 -15.10
N GLY A 214 10.78 -6.50 -16.04
CA GLY A 214 11.32 -6.29 -17.37
C GLY A 214 10.52 -5.27 -18.18
N LEU A 215 9.20 -5.37 -18.15
CA LEU A 215 8.32 -4.56 -19.00
C LEU A 215 7.47 -3.56 -18.24
N GLY A 216 6.78 -4.00 -17.19
CA GLY A 216 5.84 -3.13 -16.51
C GLY A 216 6.44 -2.08 -15.61
N VAL A 217 7.39 -2.49 -14.76
CA VAL A 217 7.88 -1.61 -13.69
C VAL A 217 8.47 -0.30 -14.21
N PRO A 218 9.32 -0.29 -15.26
CA PRO A 218 9.80 1.01 -15.75
C PRO A 218 8.69 1.95 -16.15
N PHE A 219 7.69 1.42 -16.87
CA PHE A 219 6.51 2.19 -17.25
C PHE A 219 5.79 2.75 -16.01
N ASN A 220 5.59 1.89 -14.99
CA ASN A 220 4.83 2.33 -13.81
C ASN A 220 5.60 3.39 -13.02
N ILE A 221 6.91 3.26 -12.90
CA ILE A 221 7.71 4.34 -12.31
C ILE A 221 7.46 5.65 -13.04
N ALA A 222 7.57 5.63 -14.37
CA ALA A 222 7.35 6.87 -15.12
C ALA A 222 5.96 7.43 -14.86
N SER A 223 4.95 6.55 -14.80
CA SER A 223 3.56 6.98 -14.62
C SER A 223 3.38 7.78 -13.34
N TYR A 224 3.87 7.25 -12.21
CA TYR A 224 3.66 7.94 -10.95
C TYR A 224 4.64 9.09 -10.76
N ALA A 225 5.82 9.05 -11.38
CA ALA A 225 6.66 10.25 -11.38
C ALA A 225 5.96 11.39 -12.13
N LEU A 226 5.32 11.06 -13.25
CA LEU A 226 4.61 12.08 -14.03
C LEU A 226 3.43 12.63 -13.25
N LEU A 227 2.64 11.76 -12.61
CA LEU A 227 1.52 12.24 -11.80
C LEU A 227 2.01 13.19 -10.73
N THR A 228 3.15 12.86 -10.10
CA THR A 228 3.67 13.75 -9.07
C THR A 228 4.08 15.09 -9.67
N TYR A 229 4.68 15.07 -10.86
CA TYR A 229 5.03 16.33 -11.52
C TYR A 229 3.77 17.15 -11.79
N MET A 230 2.70 16.50 -12.22
CA MET A 230 1.46 17.19 -12.54
C MET A 230 0.83 17.81 -11.29
N ILE A 231 0.74 17.03 -10.21
CA ILE A 231 0.12 17.55 -8.99
C ILE A 231 0.99 18.62 -8.35
N ALA A 232 2.32 18.45 -8.38
CA ALA A 232 3.20 19.48 -7.85
C ALA A 232 3.01 20.79 -8.61
N HIS A 233 2.87 20.69 -9.93
CA HIS A 233 2.69 21.88 -10.76
C HIS A 233 1.43 22.64 -10.37
N ILE A 234 0.31 21.94 -10.17
CA ILE A 234 -0.92 22.68 -9.90
C ILE A 234 -1.08 23.07 -8.44
N THR A 235 -0.28 22.53 -7.54
CA THR A 235 -0.31 22.93 -6.13
C THR A 235 0.82 23.89 -5.76
N GLY A 236 1.61 24.34 -6.73
CA GLY A 236 2.67 25.29 -6.43
C GLY A 236 3.85 24.72 -5.70
N LEU A 237 4.05 23.41 -5.73
CA LEU A 237 5.18 22.79 -5.06
C LEU A 237 6.19 22.29 -6.09
N GLN A 238 7.35 21.86 -5.59
CA GLN A 238 8.41 21.24 -6.38
C GLN A 238 8.36 19.72 -6.19
N PRO A 239 8.61 18.94 -7.25
CA PRO A 239 8.70 17.48 -7.09
C PRO A 239 9.80 17.08 -6.11
N GLY A 240 9.51 16.12 -5.24
CA GLY A 240 10.47 15.60 -4.30
C GLY A 240 11.00 14.23 -4.68
N ASP A 241 10.47 13.16 -4.06
CA ASP A 241 10.83 11.78 -4.37
C ASP A 241 9.62 11.00 -4.86
N PHE A 242 9.88 10.00 -5.71
CA PHE A 242 8.92 8.92 -5.93
C PHE A 242 9.45 7.65 -5.26
N VAL A 243 8.70 7.14 -4.30
CA VAL A 243 9.09 5.91 -3.59
C VAL A 243 8.26 4.77 -4.18
N HIS A 244 8.94 3.80 -4.76
CA HIS A 244 8.31 2.66 -5.42
C HIS A 244 8.36 1.44 -4.50
N THR A 245 7.20 0.98 -4.07
CA THR A 245 7.14 -0.20 -3.21
C THR A 245 6.44 -1.33 -3.95
N LEU A 246 7.07 -2.51 -3.95
CA LEU A 246 6.57 -3.68 -4.65
C LEU A 246 6.16 -4.80 -3.69
N GLY A 247 5.09 -5.51 -4.05
CA GLY A 247 4.75 -6.78 -3.42
C GLY A 247 5.46 -7.92 -4.12
N ASP A 248 4.79 -8.56 -5.08
CA ASP A 248 5.45 -9.62 -5.85
C ASP A 248 6.25 -9.01 -6.99
N ALA A 249 7.56 -8.85 -6.77
CA ALA A 249 8.48 -8.34 -7.78
C ALA A 249 9.05 -9.54 -8.54
N HIS A 250 8.88 -9.56 -9.86
CA HIS A 250 9.20 -10.80 -10.55
C HIS A 250 9.78 -10.54 -11.93
N ILE A 251 10.51 -11.54 -12.42
CA ILE A 251 11.11 -11.56 -13.75
C ILE A 251 10.65 -12.84 -14.43
N TYR A 252 10.13 -12.72 -15.65
CA TYR A 252 9.73 -13.92 -16.36
C TYR A 252 10.96 -14.69 -16.81
N LEU A 253 10.87 -16.02 -16.79
CA LEU A 253 12.05 -16.86 -16.94
C LEU A 253 12.70 -16.69 -18.31
N ASN A 254 11.91 -16.44 -19.34
CA ASN A 254 12.48 -16.24 -20.66
C ASN A 254 13.01 -14.82 -20.87
N HIS A 255 12.97 -13.97 -19.83
CA HIS A 255 13.59 -12.65 -19.88
C HIS A 255 14.93 -12.59 -19.18
N ILE A 256 15.41 -13.70 -18.61
CA ILE A 256 16.63 -13.66 -17.80
C ILE A 256 17.84 -13.25 -18.65
N GLU A 257 18.01 -13.91 -19.81
CA GLU A 257 19.21 -13.62 -20.61
C GLU A 257 19.22 -12.20 -21.16
N PRO A 258 18.15 -11.66 -21.76
CA PRO A 258 18.19 -10.23 -22.12
C PRO A 258 18.45 -9.32 -20.94
N LEU A 259 17.91 -9.63 -19.75
CA LEU A 259 18.15 -8.75 -18.61
C LEU A 259 19.59 -8.82 -18.14
N LYS A 260 20.24 -9.98 -18.27
CA LYS A 260 21.65 -10.07 -17.91
C LYS A 260 22.50 -9.17 -18.80
N ILE A 261 22.14 -9.06 -20.08
CA ILE A 261 22.83 -8.13 -20.98
C ILE A 261 22.50 -6.70 -20.60
N GLN A 262 21.22 -6.40 -20.36
CA GLN A 262 20.83 -5.05 -19.97
C GLN A 262 21.52 -4.60 -18.71
N LEU A 263 21.73 -5.53 -17.77
CA LEU A 263 22.34 -5.20 -16.48
C LEU A 263 23.80 -4.75 -16.60
N GLN A 264 24.46 -4.98 -17.73
CA GLN A 264 25.81 -4.50 -17.88
C GLN A 264 25.89 -3.16 -18.60
N ARG A 265 24.76 -2.59 -18.99
CA ARG A 265 24.75 -1.25 -19.56
C ARG A 265 24.78 -0.18 -18.47
N GLU A 266 25.56 0.87 -18.70
CA GLU A 266 25.62 1.96 -17.74
C GLU A 266 24.46 2.93 -18.00
N PRO A 267 23.71 3.31 -16.97
CA PRO A 267 22.62 4.26 -17.19
C PRO A 267 23.14 5.57 -17.78
N ARG A 268 22.39 6.11 -18.70
CA ARG A 268 22.65 7.45 -19.17
C ARG A 268 21.96 8.44 -18.24
N PRO A 269 22.48 9.67 -18.14
CA PRO A 269 21.80 10.67 -17.30
C PRO A 269 20.31 10.74 -17.60
N PHE A 270 19.51 10.79 -16.55
CA PHE A 270 18.05 10.86 -16.73
C PHE A 270 17.68 12.11 -17.52
N PRO A 271 16.60 12.04 -18.30
CA PRO A 271 16.08 13.24 -18.95
C PRO A 271 15.43 14.21 -17.97
N LYS A 272 15.01 15.36 -18.49
CA LYS A 272 14.19 16.30 -17.74
C LYS A 272 12.79 16.28 -18.33
N LEU A 273 11.82 16.60 -17.48
CA LEU A 273 10.43 16.78 -17.91
C LEU A 273 10.07 18.24 -17.77
N LYS A 274 9.64 18.86 -18.87
CA LYS A 274 9.23 20.24 -18.87
C LYS A 274 7.73 20.36 -19.09
N ILE A 275 7.09 21.20 -18.30
CA ILE A 275 5.69 21.57 -18.48
C ILE A 275 5.64 22.94 -19.13
N LEU A 276 5.01 23.03 -20.30
CA LEU A 276 5.21 24.13 -21.24
C LEU A 276 4.24 25.29 -21.05
N ARG A 277 3.35 25.24 -20.06
CA ARG A 277 2.50 26.37 -19.73
C ARG A 277 1.98 26.19 -18.31
N LYS A 278 1.48 27.29 -17.74
CA LYS A 278 0.88 27.23 -16.42
C LYS A 278 -0.51 26.61 -16.54
N VAL A 279 -0.71 25.47 -15.87
CA VAL A 279 -1.98 24.75 -15.88
C VAL A 279 -2.58 24.84 -14.49
N GLU A 280 -3.89 25.09 -14.41
CA GLU A 280 -4.53 25.41 -13.15
C GLU A 280 -5.25 24.24 -12.51
N THR A 281 -5.72 23.27 -13.29
CA THR A 281 -6.43 22.14 -12.74
C THR A 281 -5.94 20.87 -13.41
N ILE A 282 -6.12 19.75 -12.72
CA ILE A 282 -5.56 18.50 -13.22
C ILE A 282 -6.26 18.06 -14.49
N ASP A 283 -7.54 18.42 -14.64
CA ASP A 283 -8.30 18.05 -15.83
C ASP A 283 -7.86 18.83 -17.06
N ASP A 284 -7.14 19.93 -16.88
CA ASP A 284 -6.77 20.77 -18.01
C ASP A 284 -5.46 20.36 -18.69
N PHE A 285 -4.69 19.43 -18.11
CA PHE A 285 -3.46 18.97 -18.76
C PHE A 285 -3.78 18.28 -20.08
N LYS A 286 -3.00 18.61 -21.11
CA LYS A 286 -3.08 18.00 -22.42
C LYS A 286 -1.72 17.44 -22.82
N VAL A 287 -1.74 16.52 -23.78
CA VAL A 287 -0.50 15.82 -24.15
C VAL A 287 0.56 16.82 -24.63
N GLU A 288 0.14 17.86 -25.36
CA GLU A 288 1.10 18.83 -25.86
C GLU A 288 1.67 19.74 -24.77
N ASP A 289 1.18 19.65 -23.54
CA ASP A 289 1.76 20.46 -22.48
C ASP A 289 3.09 19.93 -21.94
N PHE A 290 3.53 18.75 -22.38
CA PHE A 290 4.69 18.10 -21.79
C PHE A 290 5.80 17.89 -22.83
N GLN A 291 7.04 18.00 -22.37
CA GLN A 291 8.21 17.76 -23.20
C GLN A 291 9.26 17.01 -22.39
N ILE A 292 9.63 15.82 -22.83
CA ILE A 292 10.77 15.09 -22.31
C ILE A 292 12.02 15.55 -23.05
N GLU A 293 13.03 15.99 -22.31
CA GLU A 293 14.25 16.55 -22.89
C GLU A 293 15.45 15.68 -22.56
N GLY A 294 16.28 15.42 -23.56
CA GLY A 294 17.51 14.68 -23.33
C GLY A 294 17.34 13.23 -22.94
N TYR A 295 16.34 12.55 -23.48
CA TYR A 295 16.14 11.12 -23.23
C TYR A 295 16.93 10.31 -24.25
N ASN A 296 17.93 9.57 -23.77
CA ASN A 296 18.86 8.83 -24.62
C ASN A 296 18.98 7.37 -24.18
N PRO A 297 17.91 6.59 -24.31
CA PRO A 297 17.97 5.20 -23.82
C PRO A 297 18.87 4.35 -24.70
N HIS A 298 19.47 3.32 -24.07
CA HIS A 298 20.21 2.32 -24.82
C HIS A 298 19.26 1.63 -25.81
N PRO A 299 19.75 1.25 -26.98
CA PRO A 299 18.89 0.59 -27.97
C PRO A 299 18.60 -0.86 -27.59
N THR A 300 17.56 -1.40 -28.20
CA THR A 300 17.21 -2.81 -28.04
C THR A 300 17.47 -3.57 -29.33
N HIS B 22 20.47 -9.90 13.74
CA HIS B 22 19.24 -9.69 14.50
C HIS B 22 18.27 -8.73 13.77
N GLY B 23 17.02 -9.18 13.62
CA GLY B 23 16.06 -8.39 12.86
C GLY B 23 15.71 -7.07 13.50
N GLU B 24 15.85 -6.96 14.82
CA GLU B 24 15.56 -5.70 15.49
C GLU B 24 16.53 -4.59 15.06
N LEU B 25 17.70 -4.94 14.54
CA LEU B 25 18.64 -3.92 14.11
C LEU B 25 18.08 -3.09 12.95
N GLN B 26 17.18 -3.66 12.15
CA GLN B 26 16.54 -2.87 11.10
C GLN B 26 15.71 -1.75 11.68
N TYR B 27 14.94 -2.04 12.72
CA TYR B 27 14.14 -1.03 13.38
C TYR B 27 15.02 0.05 13.98
N LEU B 28 16.10 -0.36 14.67
CA LEU B 28 17.00 0.60 15.29
C LEU B 28 17.66 1.50 14.24
N ARG B 29 18.06 0.93 13.11
CA ARG B 29 18.67 1.76 12.08
C ARG B 29 17.66 2.69 11.42
N GLN B 30 16.38 2.29 11.35
CA GLN B 30 15.35 3.23 10.88
C GLN B 30 15.21 4.41 11.84
N VAL B 31 15.15 4.12 13.14
CA VAL B 31 15.07 5.20 14.12
C VAL B 31 16.28 6.12 13.98
N GLU B 32 17.47 5.51 13.90
CA GLU B 32 18.71 6.27 13.71
C GLU B 32 18.64 7.16 12.48
N HIS B 33 18.15 6.60 11.36
CA HIS B 33 18.02 7.37 10.12
C HIS B 33 17.13 8.60 10.30
N ILE B 34 16.01 8.44 11.00
CA ILE B 34 15.09 9.57 11.16
C ILE B 34 15.72 10.64 12.04
N LEU B 35 16.38 10.23 13.14
CA LEU B 35 17.04 11.17 14.01
C LEU B 35 18.15 11.92 13.30
N ARG B 36 18.75 11.32 12.28
CA ARG B 36 19.87 11.84 11.51
C ARG B 36 19.42 12.66 10.29
N CYS B 37 18.43 12.17 9.54
CA CYS B 37 18.11 12.70 8.23
C CYS B 37 16.67 13.17 8.10
N GLY B 38 15.81 12.90 9.09
CA GLY B 38 14.44 13.36 9.04
C GLY B 38 14.33 14.87 9.08
N PHE B 39 13.23 15.37 8.54
CA PHE B 39 12.92 16.79 8.59
C PHE B 39 11.89 17.08 9.67
N LYS B 40 12.00 18.26 10.28
CA LYS B 40 10.95 18.71 11.18
C LYS B 40 9.64 18.84 10.42
N LYS B 41 8.59 18.23 10.96
CA LYS B 41 7.28 18.20 10.33
C LYS B 41 6.23 18.09 11.42
N GLU B 42 5.24 18.98 11.39
CA GLU B 42 4.23 19.02 12.43
C GLU B 42 3.05 18.12 12.07
N ASP B 43 2.36 17.62 13.10
CA ASP B 43 1.22 16.74 12.91
C ASP B 43 -0.08 17.54 13.08
N ARG B 44 -1.21 16.82 13.22
CA ARG B 44 -2.52 17.47 13.29
C ARG B 44 -2.64 18.43 14.47
N THR B 45 -1.88 18.18 15.54
CA THR B 45 -1.95 18.98 16.74
C THR B 45 -0.82 20.02 16.79
N GLY B 46 -0.23 20.35 15.64
CA GLY B 46 0.89 21.27 15.61
C GLY B 46 2.11 20.83 16.38
N THR B 47 2.12 19.61 16.94
CA THR B 47 3.28 19.14 17.68
C THR B 47 4.30 18.55 16.71
N GLY B 48 5.57 18.74 17.04
CA GLY B 48 6.64 18.51 16.09
C GLY B 48 7.11 17.07 16.06
N THR B 49 7.53 16.65 14.87
CA THR B 49 8.16 15.36 14.67
C THR B 49 9.41 15.55 13.83
N LEU B 50 10.31 14.56 13.86
CA LEU B 50 11.26 14.35 12.79
C LEU B 50 10.70 13.26 11.88
N SER B 51 10.69 13.50 10.57
CA SER B 51 9.94 12.66 9.65
C SER B 51 10.75 12.28 8.41
N VAL B 52 10.57 11.05 7.95
CA VAL B 52 11.10 10.54 6.69
C VAL B 52 9.95 9.85 5.96
N PHE B 53 9.85 10.06 4.64
CA PHE B 53 8.77 9.47 3.86
C PHE B 53 9.32 8.27 3.11
N GLY B 54 8.75 7.09 3.38
CA GLY B 54 9.15 5.90 2.65
C GLY B 54 10.25 5.11 3.33
N MET B 55 9.89 4.03 4.03
CA MET B 55 10.88 3.14 4.66
C MET B 55 10.38 1.71 4.50
N GLN B 56 11.29 0.75 4.62
CA GLN B 56 10.89 -0.65 4.55
C GLN B 56 11.86 -1.50 5.37
N ALA B 57 11.32 -2.48 6.10
CA ALA B 57 12.11 -3.46 6.83
C ALA B 57 11.48 -4.82 6.64
N ARG B 58 12.29 -5.88 6.72
CA ARG B 58 11.82 -7.27 6.60
C ARG B 58 12.15 -8.00 7.90
N TYR B 59 11.13 -8.59 8.51
CA TYR B 59 11.29 -9.31 9.77
C TYR B 59 11.00 -10.78 9.53
N SER B 60 12.00 -11.63 9.71
CA SER B 60 11.79 -13.06 9.58
C SER B 60 10.80 -13.54 10.63
N LEU B 61 9.87 -14.40 10.22
CA LEU B 61 8.99 -15.10 11.14
C LEU B 61 9.37 -16.56 11.31
N ARG B 62 10.55 -16.96 10.82
CA ARG B 62 10.93 -18.37 10.73
C ARG B 62 11.53 -18.81 12.06
N ASP B 63 10.78 -19.63 12.80
N ASP B 63 10.78 -19.60 12.82
CA ASP B 63 11.16 -20.12 14.13
CA ASP B 63 11.18 -20.13 14.12
C ASP B 63 11.57 -18.99 15.08
C ASP B 63 11.46 -19.03 15.14
N GLU B 64 10.93 -17.83 14.93
CA GLU B 64 11.01 -16.77 15.93
C GLU B 64 9.93 -15.74 15.63
N PHE B 65 9.69 -14.87 16.61
CA PHE B 65 8.62 -13.88 16.52
C PHE B 65 9.18 -12.51 16.87
N PRO B 66 9.00 -11.51 15.99
CA PRO B 66 9.67 -10.19 16.15
C PRO B 66 8.95 -9.28 17.13
N LEU B 67 8.89 -9.70 18.39
CA LEU B 67 8.50 -8.83 19.49
C LEU B 67 9.76 -8.13 20.00
N LEU B 68 9.81 -6.81 19.83
CA LEU B 68 11.05 -6.07 20.05
C LEU B 68 11.54 -6.22 21.49
N THR B 69 12.86 -6.24 21.65
CA THR B 69 13.49 -6.48 22.95
C THR B 69 14.14 -5.24 23.57
N THR B 70 14.49 -4.21 22.79
CA THR B 70 15.13 -3.05 23.40
C THR B 70 14.14 -2.17 24.16
N LYS B 71 12.84 -2.45 24.06
CA LYS B 71 11.81 -1.81 24.88
C LYS B 71 10.61 -2.75 24.86
N ARG B 72 10.01 -2.97 26.02
CA ARG B 72 8.93 -3.95 26.14
C ARG B 72 7.73 -3.54 25.30
N VAL B 73 7.17 -4.49 24.55
CA VAL B 73 5.95 -4.25 23.79
C VAL B 73 4.77 -4.85 24.55
N PHE B 74 3.61 -4.19 24.44
CA PHE B 74 2.38 -4.54 25.15
C PHE B 74 1.68 -5.70 24.46
N TRP B 75 2.21 -6.91 24.66
CA TRP B 75 1.77 -8.08 23.91
C TRP B 75 0.30 -8.42 24.14
N LYS B 76 -0.16 -8.35 25.39
CA LYS B 76 -1.57 -8.61 25.66
C LYS B 76 -2.47 -7.69 24.85
N GLY B 77 -2.09 -6.41 24.73
CA GLY B 77 -2.84 -5.50 23.90
C GLY B 77 -2.78 -5.86 22.41
N VAL B 78 -1.61 -6.27 21.93
CA VAL B 78 -1.49 -6.75 20.54
C VAL B 78 -2.51 -7.86 20.28
N LEU B 79 -2.50 -8.88 21.14
CA LEU B 79 -3.31 -10.07 20.89
C LEU B 79 -4.80 -9.76 21.01
N GLU B 80 -5.21 -9.04 22.07
CA GLU B 80 -6.63 -8.78 22.24
C GLU B 80 -7.15 -7.85 21.15
N GLU B 81 -6.37 -6.85 20.74
CA GLU B 81 -6.82 -5.97 19.67
C GLU B 81 -7.05 -6.75 18.39
N LEU B 82 -6.14 -7.68 18.06
CA LEU B 82 -6.29 -8.46 16.83
C LEU B 82 -7.51 -9.37 16.90
N LEU B 83 -7.73 -10.02 18.04
CA LEU B 83 -8.94 -10.82 18.18
C LEU B 83 -10.18 -9.96 18.05
N TRP B 84 -10.09 -8.72 18.52
CA TRP B 84 -11.20 -7.78 18.43
C TRP B 84 -11.47 -7.40 16.98
N PHE B 85 -10.41 -7.09 16.20
CA PHE B 85 -10.57 -6.90 14.75
C PHE B 85 -11.27 -8.10 14.11
N ILE B 86 -10.79 -9.31 14.42
CA ILE B 86 -11.22 -10.51 13.72
C ILE B 86 -12.71 -10.75 13.93
N LYS B 87 -13.22 -10.48 15.14
CA LYS B 87 -14.66 -10.67 15.33
C LYS B 87 -15.48 -9.49 14.78
N GLY B 88 -14.85 -8.53 14.12
CA GLY B 88 -15.57 -7.47 13.43
C GLY B 88 -16.08 -6.35 14.28
N SER B 89 -15.64 -6.27 15.54
CA SER B 89 -16.16 -5.25 16.45
C SER B 89 -15.62 -3.87 16.10
N THR B 90 -16.48 -2.85 16.20
CA THR B 90 -16.08 -1.46 16.13
C THR B 90 -16.40 -0.72 17.44
N ASN B 91 -16.52 -1.46 18.53
CA ASN B 91 -16.90 -0.93 19.85
C ASN B 91 -15.67 -0.95 20.74
N ALA B 92 -15.12 0.23 21.04
CA ALA B 92 -13.93 0.27 21.87
C ALA B 92 -14.19 -0.30 23.26
N LYS B 93 -15.43 -0.25 23.74
CA LYS B 93 -15.71 -0.79 25.07
C LYS B 93 -15.61 -2.31 25.10
N GLU B 94 -15.79 -2.99 23.96
CA GLU B 94 -15.61 -4.43 23.92
C GLU B 94 -14.13 -4.82 24.01
N LEU B 95 -13.23 -3.93 23.59
CA LEU B 95 -11.80 -4.16 23.80
C LEU B 95 -11.37 -3.74 25.19
N SER B 96 -11.87 -2.61 25.68
CA SER B 96 -11.49 -2.14 27.01
C SER B 96 -11.85 -3.16 28.08
N SER B 97 -12.95 -3.88 27.89
CA SER B 97 -13.37 -4.88 28.86
C SER B 97 -12.37 -6.02 28.99
N LYS B 98 -11.45 -6.16 28.04
CA LYS B 98 -10.34 -7.09 28.18
C LYS B 98 -9.15 -6.46 28.89
N GLY B 99 -9.27 -5.23 29.37
CA GLY B 99 -8.17 -4.57 30.00
C GLY B 99 -7.22 -3.91 29.04
N VAL B 100 -7.67 -3.63 27.81
CA VAL B 100 -6.87 -3.02 26.77
C VAL B 100 -7.58 -1.73 26.36
N ARG B 101 -7.01 -0.59 26.75
CA ARG B 101 -7.72 0.69 26.67
C ARG B 101 -7.25 1.58 25.54
N ILE B 102 -6.45 1.05 24.60
CA ILE B 102 -5.76 1.91 23.63
C ILE B 102 -6.74 2.63 22.70
N TRP B 103 -7.92 2.06 22.46
CA TRP B 103 -8.90 2.71 21.61
C TRP B 103 -9.92 3.55 22.38
N ASP B 104 -9.82 3.62 23.71
CA ASP B 104 -10.92 4.20 24.47
C ASP B 104 -11.06 5.70 24.20
N ALA B 105 -9.93 6.42 24.07
CA ALA B 105 -10.00 7.86 23.81
C ALA B 105 -10.69 8.16 22.50
N ASN B 106 -10.44 7.36 21.46
CA ASN B 106 -11.07 7.63 20.17
C ASN B 106 -12.57 7.40 20.18
N GLY B 107 -13.07 6.61 21.14
CA GLY B 107 -14.50 6.39 21.28
C GLY B 107 -15.13 7.15 22.42
N SER B 108 -14.37 7.98 23.13
CA SER B 108 -14.90 8.82 24.19
C SER B 108 -15.91 9.82 23.65
N ARG B 109 -16.85 10.22 24.52
CA ARG B 109 -17.86 11.16 24.07
C ARG B 109 -17.28 12.55 23.81
N ASP B 110 -16.15 12.89 24.45
CA ASP B 110 -15.56 14.20 24.16
C ASP B 110 -14.89 14.24 22.80
N PHE B 111 -14.36 13.09 22.34
CA PHE B 111 -13.68 13.06 21.05
C PHE B 111 -14.66 12.89 19.90
N LEU B 112 -15.67 12.04 20.06
CA LEU B 112 -16.67 11.89 19.02
C LEU B 112 -17.37 13.22 18.75
N ASP B 113 -17.58 14.03 19.80
CA ASP B 113 -18.20 15.33 19.61
C ASP B 113 -17.29 16.26 18.81
N SER B 114 -15.98 16.19 19.05
CA SER B 114 -15.03 16.93 18.22
C SER B 114 -15.30 16.73 16.74
N LEU B 115 -15.57 15.49 16.33
CA LEU B 115 -15.75 15.13 14.94
C LEU B 115 -17.19 15.24 14.47
N GLY B 116 -18.04 15.92 15.22
CA GLY B 116 -19.43 16.04 14.82
C GLY B 116 -20.24 14.77 14.95
N PHE B 117 -19.77 13.82 15.76
CA PHE B 117 -20.49 12.56 15.99
C PHE B 117 -21.20 12.59 17.34
N SER B 118 -22.06 13.58 17.53
CA SER B 118 -22.75 13.74 18.82
C SER B 118 -23.89 12.74 18.99
N ALA B 119 -24.50 12.29 17.90
CA ALA B 119 -25.57 11.31 17.97
C ALA B 119 -25.07 9.87 18.12
N ARG B 120 -23.76 9.68 18.20
CA ARG B 120 -23.17 8.35 18.24
C ARG B 120 -22.95 7.88 19.66
N GLN B 121 -23.24 6.61 19.92
CA GLN B 121 -22.97 6.02 21.23
C GLN B 121 -21.49 6.16 21.59
N GLU B 122 -21.21 6.32 22.88
CA GLU B 122 -19.84 6.22 23.36
C GLU B 122 -19.28 4.84 23.05
N GLY B 123 -18.04 4.81 22.52
CA GLY B 123 -17.40 3.58 22.12
C GLY B 123 -17.52 3.23 20.65
N ASP B 124 -18.42 3.90 19.92
CA ASP B 124 -18.69 3.59 18.52
C ASP B 124 -17.64 4.27 17.64
N LEU B 125 -16.65 3.51 17.21
CA LEU B 125 -15.57 4.06 16.41
C LEU B 125 -15.94 4.31 14.95
N GLY B 126 -17.14 3.94 14.53
CA GLY B 126 -17.50 3.98 13.14
C GLY B 126 -16.90 2.80 12.39
N PRO B 127 -16.92 2.84 11.06
CA PRO B 127 -16.51 1.67 10.25
C PRO B 127 -15.00 1.54 10.12
N VAL B 128 -14.33 1.15 11.22
CA VAL B 128 -12.89 0.98 11.24
C VAL B 128 -12.51 -0.47 10.97
N TYR B 129 -11.30 -0.89 11.35
CA TYR B 129 -10.72 -2.16 10.89
C TYR B 129 -11.68 -3.34 10.89
N GLY B 130 -12.29 -3.62 12.04
CA GLY B 130 -13.15 -4.80 12.12
C GLY B 130 -14.25 -4.81 11.09
N PHE B 131 -14.86 -3.66 10.85
CA PHE B 131 -15.92 -3.57 9.86
C PHE B 131 -15.37 -3.70 8.44
N GLN B 132 -14.24 -3.05 8.16
CA GLN B 132 -13.70 -3.11 6.80
C GLN B 132 -13.15 -4.50 6.47
N TRP B 133 -12.55 -5.18 7.45
CA TRP B 133 -11.97 -6.49 7.19
C TRP B 133 -13.04 -7.53 6.89
N ARG B 134 -14.20 -7.40 7.54
CA ARG B 134 -15.25 -8.40 7.44
C ARG B 134 -16.46 -7.97 6.61
N HIS B 135 -16.65 -6.67 6.34
CA HIS B 135 -17.87 -6.21 5.71
C HIS B 135 -17.61 -5.03 4.77
N PHE B 136 -16.49 -5.07 4.04
CA PHE B 136 -16.16 -3.94 3.17
C PHE B 136 -17.28 -3.66 2.19
N GLY B 137 -17.68 -2.40 2.09
CA GLY B 137 -18.71 -1.98 1.18
C GLY B 137 -20.10 -1.97 1.76
N ALA B 138 -20.31 -2.62 2.91
CA ALA B 138 -21.61 -2.58 3.57
C ALA B 138 -21.90 -1.17 4.07
N GLU B 139 -23.19 -0.87 4.23
CA GLU B 139 -23.61 0.41 4.77
C GLU B 139 -23.50 0.38 6.29
N TYR B 140 -22.63 1.21 6.85
CA TYR B 140 -22.50 1.27 8.30
C TYR B 140 -23.68 2.01 8.91
N LYS B 141 -24.14 1.52 10.05
CA LYS B 141 -25.20 2.16 10.80
C LYS B 141 -24.66 2.55 12.16
N ASP B 142 -24.50 1.59 13.07
CA ASP B 142 -23.77 1.82 14.31
C ASP B 142 -23.08 0.53 14.75
N MET B 143 -22.39 0.61 15.88
CA MET B 143 -21.60 -0.53 16.35
C MET B 143 -22.47 -1.70 16.81
N ASP B 144 -23.75 -1.47 17.07
CA ASP B 144 -24.65 -2.53 17.52
C ASP B 144 -25.36 -3.23 16.37
N SER B 145 -25.20 -2.76 15.14
CA SER B 145 -25.97 -3.35 14.05
C SER B 145 -25.45 -4.74 13.72
N ASP B 146 -26.33 -5.51 13.08
CA ASP B 146 -26.02 -6.85 12.60
C ASP B 146 -25.64 -6.74 11.13
N TYR B 147 -24.37 -7.00 10.81
CA TYR B 147 -23.86 -6.91 9.45
C TYR B 147 -23.62 -8.28 8.83
N SER B 148 -24.20 -9.33 9.42
CA SER B 148 -24.01 -10.69 8.94
C SER B 148 -24.34 -10.82 7.46
N GLY B 149 -23.38 -11.35 6.71
CA GLY B 149 -23.54 -11.53 5.28
C GLY B 149 -23.48 -10.28 4.43
N GLN B 150 -23.19 -9.13 5.01
CA GLN B 150 -23.13 -7.88 4.26
C GLN B 150 -21.68 -7.49 3.97
N GLY B 151 -21.45 -6.96 2.77
CA GLY B 151 -20.12 -6.51 2.39
C GLY B 151 -19.18 -7.68 2.11
N VAL B 152 -17.94 -7.33 1.79
CA VAL B 152 -16.94 -8.32 1.43
C VAL B 152 -16.18 -8.71 2.68
N ASP B 153 -16.17 -10.01 2.98
CA ASP B 153 -15.36 -10.56 4.06
C ASP B 153 -13.96 -10.80 3.50
N GLN B 154 -13.15 -9.74 3.54
CA GLN B 154 -11.79 -9.80 2.99
C GLN B 154 -10.93 -10.79 3.76
N LEU B 155 -11.10 -10.84 5.08
CA LEU B 155 -10.28 -11.73 5.90
C LEU B 155 -10.49 -13.19 5.49
N GLN B 156 -11.75 -13.65 5.43
CA GLN B 156 -11.98 -15.02 5.01
C GLN B 156 -11.57 -15.24 3.57
N LYS B 157 -11.74 -14.22 2.72
CA LYS B 157 -11.36 -14.36 1.32
C LYS B 157 -9.87 -14.58 1.16
N VAL B 158 -9.06 -13.88 1.95
CA VAL B 158 -7.61 -14.08 1.92
C VAL B 158 -7.26 -15.51 2.29
N ILE B 159 -7.84 -16.01 3.40
CA ILE B 159 -7.58 -17.38 3.83
C ILE B 159 -7.96 -18.36 2.73
N ASP B 160 -9.15 -18.19 2.14
CA ASP B 160 -9.62 -19.07 1.06
C ASP B 160 -8.65 -19.07 -0.11
N THR B 161 -8.23 -17.88 -0.55
CA THR B 161 -7.35 -17.79 -1.72
C THR B 161 -6.00 -18.42 -1.44
N ILE B 162 -5.46 -18.24 -0.23
CA ILE B 162 -4.20 -18.87 0.14
C ILE B 162 -4.33 -20.38 0.03
N LYS B 163 -5.46 -20.93 0.50
CA LYS B 163 -5.69 -22.37 0.44
C LYS B 163 -5.79 -22.88 -0.99
N THR B 164 -6.51 -22.17 -1.85
CA THR B 164 -6.87 -22.66 -3.18
C THR B 164 -5.94 -22.19 -4.29
N ASN B 165 -5.32 -21.02 -4.15
CA ASN B 165 -4.50 -20.42 -5.20
C ASN B 165 -3.32 -19.71 -4.57
N PRO B 166 -2.39 -20.47 -3.97
CA PRO B 166 -1.28 -19.82 -3.24
C PRO B 166 -0.41 -18.94 -4.10
N ASP B 167 -0.40 -19.12 -5.43
CA ASP B 167 0.39 -18.28 -6.33
C ASP B 167 -0.23 -16.90 -6.55
N ASP B 168 -1.45 -16.68 -6.07
CA ASP B 168 -2.21 -15.47 -6.40
C ASP B 168 -1.46 -14.20 -5.98
N ARG B 169 -1.42 -13.22 -6.87
CA ARG B 169 -0.73 -11.95 -6.63
C ARG B 169 -1.69 -10.84 -6.18
N ARG B 170 -2.92 -11.21 -5.83
CA ARG B 170 -3.98 -10.28 -5.46
C ARG B 170 -4.51 -10.55 -4.05
N ILE B 171 -3.73 -11.18 -3.18
CA ILE B 171 -4.24 -11.57 -1.87
C ILE B 171 -4.09 -10.38 -0.93
N ILE B 172 -5.11 -9.53 -0.91
CA ILE B 172 -5.03 -8.22 -0.27
C ILE B 172 -6.21 -8.06 0.68
N MET B 173 -5.95 -7.46 1.83
CA MET B 173 -6.97 -7.03 2.77
C MET B 173 -6.77 -5.52 2.96
N CYS B 174 -7.79 -4.74 2.61
CA CYS B 174 -7.64 -3.30 2.52
C CYS B 174 -8.61 -2.66 3.52
N ALA B 175 -8.07 -1.97 4.52
CA ALA B 175 -8.92 -1.24 5.45
C ALA B 175 -9.21 0.18 4.98
N TRP B 176 -8.40 0.71 4.06
CA TRP B 176 -8.62 2.05 3.54
C TRP B 176 -9.86 2.04 2.65
N ASN B 177 -10.93 2.71 3.08
CA ASN B 177 -12.19 2.73 2.34
C ASN B 177 -12.58 4.19 2.12
N PRO B 178 -12.29 4.75 0.93
CA PRO B 178 -12.55 6.18 0.71
C PRO B 178 -13.99 6.61 1.00
N LYS B 179 -14.95 5.75 0.68
CA LYS B 179 -16.36 6.04 0.93
C LYS B 179 -16.65 6.20 2.42
N ASP B 180 -16.00 5.41 3.27
CA ASP B 180 -16.32 5.38 4.69
C ASP B 180 -15.47 6.31 5.55
N LEU B 181 -14.44 6.94 4.99
CA LEU B 181 -13.54 7.76 5.79
C LEU B 181 -14.24 8.85 6.63
N PRO B 182 -15.24 9.58 6.13
CA PRO B 182 -15.86 10.62 6.97
C PRO B 182 -16.54 10.08 8.21
N LEU B 183 -16.98 8.82 8.20
CA LEU B 183 -17.64 8.21 9.34
C LEU B 183 -16.67 7.64 10.37
N MET B 184 -15.38 7.57 10.05
CA MET B 184 -14.44 6.91 10.94
C MET B 184 -13.96 7.85 12.04
N ALA B 185 -13.80 7.31 13.25
CA ALA B 185 -13.20 8.10 14.32
C ALA B 185 -11.76 8.43 14.00
N LEU B 186 -11.10 7.59 13.20
CA LEU B 186 -9.71 7.77 12.81
C LEU B 186 -9.47 6.91 11.58
N PRO B 187 -9.01 7.47 10.47
CA PRO B 187 -8.76 6.65 9.29
C PRO B 187 -7.60 5.70 9.55
N PRO B 188 -7.62 4.50 8.98
CA PRO B 188 -6.65 3.48 9.38
C PRO B 188 -5.23 3.91 9.07
N CYS B 189 -4.36 3.79 10.07
CA CYS B 189 -2.92 3.88 9.83
C CYS B 189 -2.47 2.71 8.95
N HIS B 190 -3.05 1.53 9.17
CA HIS B 190 -2.67 0.31 8.44
C HIS B 190 -3.62 0.16 7.25
N ALA B 191 -3.25 0.81 6.15
CA ALA B 191 -4.15 0.99 5.01
C ALA B 191 -4.46 -0.34 4.32
N LEU B 192 -3.46 -1.17 4.10
CA LEU B 192 -3.74 -2.47 3.50
C LEU B 192 -2.58 -3.39 3.79
N CYS B 193 -2.83 -4.68 3.59
CA CYS B 193 -1.73 -5.63 3.64
C CYS B 193 -1.93 -6.65 2.52
N GLN B 194 -0.83 -7.31 2.16
CA GLN B 194 -0.86 -8.25 1.06
C GLN B 194 -0.15 -9.50 1.53
N PHE B 195 -0.70 -10.65 1.18
CA PHE B 195 -0.11 -11.93 1.50
C PHE B 195 0.51 -12.56 0.26
N TYR B 196 1.42 -13.49 0.51
CA TYR B 196 2.26 -14.06 -0.53
C TYR B 196 2.72 -15.43 -0.06
N VAL B 197 2.74 -16.40 -0.96
CA VAL B 197 3.12 -17.77 -0.64
C VAL B 197 4.20 -18.25 -1.59
N VAL B 198 5.29 -18.75 -1.05
CA VAL B 198 6.26 -19.48 -1.86
C VAL B 198 6.93 -20.51 -0.96
N ASN B 199 7.23 -21.68 -1.53
CA ASN B 199 7.97 -22.72 -0.83
C ASN B 199 7.30 -23.08 0.50
N GLY B 200 5.97 -23.21 0.47
CA GLY B 200 5.26 -23.56 1.69
C GLY B 200 5.29 -22.52 2.80
N GLU B 201 5.69 -21.28 2.50
CA GLU B 201 5.83 -20.23 3.50
C GLU B 201 4.90 -19.06 3.17
N LEU B 202 4.25 -18.52 4.20
CA LEU B 202 3.32 -17.40 4.04
C LEU B 202 3.99 -16.12 4.53
N SER B 203 4.08 -15.13 3.66
CA SER B 203 4.60 -13.81 4.01
C SER B 203 3.47 -12.78 4.00
N CYS B 204 3.72 -11.64 4.63
CA CYS B 204 2.74 -10.57 4.70
C CYS B 204 3.47 -9.24 4.57
N GLN B 205 2.93 -8.33 3.76
CA GLN B 205 3.47 -6.96 3.69
C GLN B 205 2.39 -5.97 4.10
N LEU B 206 2.72 -5.08 5.03
CA LEU B 206 1.81 -4.04 5.50
C LEU B 206 2.19 -2.71 4.85
N TYR B 207 1.21 -2.00 4.29
CA TYR B 207 1.42 -0.59 3.94
C TYR B 207 0.87 0.27 5.07
N GLN B 208 1.77 0.89 5.85
CA GLN B 208 1.35 1.72 6.98
C GLN B 208 1.62 3.18 6.61
N ARG B 209 0.56 3.97 6.47
CA ARG B 209 0.70 5.33 5.96
C ARG B 209 1.39 6.27 6.95
N SER B 210 1.37 5.95 8.24
CA SER B 210 1.93 6.86 9.24
C SER B 210 2.43 5.99 10.38
N GLY B 211 3.68 6.19 10.79
CA GLY B 211 4.21 5.37 11.86
C GLY B 211 4.93 6.17 12.93
N ASP B 212 4.44 6.08 14.16
CA ASP B 212 5.08 6.66 15.35
C ASP B 212 6.14 5.66 15.77
N MET B 213 7.41 5.96 15.45
CA MET B 213 8.46 4.97 15.64
C MET B 213 8.65 4.62 17.13
N GLY B 214 8.40 5.56 18.02
CA GLY B 214 8.72 5.31 19.41
C GLY B 214 7.68 4.46 20.10
N LEU B 215 6.43 4.81 19.90
CA LEU B 215 5.29 4.25 20.62
C LEU B 215 4.48 3.26 19.81
N GLY B 216 4.27 3.51 18.52
CA GLY B 216 3.34 2.70 17.76
C GLY B 216 3.95 1.54 17.00
N VAL B 217 5.06 1.82 16.30
CA VAL B 217 5.57 0.86 15.32
C VAL B 217 5.92 -0.50 15.91
N PRO B 218 6.57 -0.61 17.09
CA PRO B 218 6.80 -1.97 17.63
C PRO B 218 5.52 -2.76 17.85
N PHE B 219 4.48 -2.12 18.33
CA PHE B 219 3.16 -2.73 18.48
C PHE B 219 2.60 -3.19 17.14
N ASN B 220 2.72 -2.32 16.13
CA ASN B 220 2.21 -2.61 14.79
C ASN B 220 2.91 -3.82 14.15
N ILE B 221 4.24 -3.91 14.29
CA ILE B 221 4.98 -5.05 13.79
C ILE B 221 4.48 -6.34 14.43
N ALA B 222 4.30 -6.33 15.76
CA ALA B 222 3.82 -7.51 16.45
C ALA B 222 2.44 -7.92 15.96
N SER B 223 1.56 -6.93 15.77
CA SER B 223 0.20 -7.21 15.31
C SER B 223 0.20 -7.98 14.00
N TYR B 224 0.91 -7.48 12.98
CA TYR B 224 0.82 -8.14 11.69
C TYR B 224 1.65 -9.41 11.62
N ALA B 225 2.71 -9.51 12.43
CA ALA B 225 3.42 -10.78 12.53
C ALA B 225 2.49 -11.84 13.12
N LEU B 226 1.67 -11.44 14.10
CA LEU B 226 0.72 -12.35 14.75
C LEU B 226 -0.38 -12.78 13.78
N LEU B 227 -0.94 -11.82 13.03
CA LEU B 227 -1.89 -12.15 11.97
C LEU B 227 -1.31 -13.18 11.02
N THR B 228 -0.03 -13.04 10.67
CA THR B 228 0.57 -13.97 9.73
C THR B 228 0.73 -15.35 10.33
N TYR B 229 1.14 -15.43 11.60
CA TYR B 229 1.18 -16.72 12.30
C TYR B 229 -0.19 -17.38 12.32
N MET B 230 -1.24 -16.60 12.61
CA MET B 230 -2.59 -17.15 12.67
C MET B 230 -3.02 -17.70 11.32
N ILE B 231 -2.89 -16.91 10.25
CA ILE B 231 -3.35 -17.36 8.95
C ILE B 231 -2.49 -18.53 8.46
N ALA B 232 -1.18 -18.51 8.76
CA ALA B 232 -0.35 -19.64 8.39
C ALA B 232 -0.82 -20.92 9.08
N HIS B 233 -1.16 -20.81 10.36
CA HIS B 233 -1.67 -21.96 11.11
C HIS B 233 -2.94 -22.50 10.48
N ILE B 234 -3.88 -21.60 10.15
CA ILE B 234 -5.16 -21.94 9.53
C ILE B 234 -4.99 -22.61 8.17
N THR B 235 -3.95 -22.22 7.42
CA THR B 235 -3.82 -22.67 6.05
C THR B 235 -2.77 -23.77 5.86
N GLY B 236 -2.20 -24.27 6.95
CA GLY B 236 -1.22 -25.33 6.84
C GLY B 236 0.13 -24.91 6.31
N LEU B 237 0.48 -23.63 6.42
CA LEU B 237 1.75 -23.13 5.92
C LEU B 237 2.66 -22.74 7.08
N GLN B 238 3.92 -22.47 6.75
CA GLN B 238 4.86 -21.96 7.74
C GLN B 238 5.01 -20.45 7.60
N PRO B 239 5.16 -19.71 8.68
CA PRO B 239 5.38 -18.27 8.56
C PRO B 239 6.69 -17.95 7.85
N GLY B 240 6.64 -16.95 6.96
CA GLY B 240 7.83 -16.55 6.21
C GLY B 240 8.43 -15.25 6.68
N ASP B 241 8.14 -14.15 5.98
CA ASP B 241 8.61 -12.81 6.34
C ASP B 241 7.42 -11.91 6.64
N PHE B 242 7.63 -10.94 7.53
CA PHE B 242 6.74 -9.79 7.62
C PHE B 242 7.48 -8.58 7.06
N VAL B 243 6.98 -8.01 5.98
CA VAL B 243 7.62 -6.86 5.35
C VAL B 243 6.85 -5.62 5.78
N HIS B 244 7.52 -4.70 6.49
CA HIS B 244 6.88 -3.51 7.04
C HIS B 244 7.20 -2.31 6.15
N THR B 245 6.20 -1.75 5.48
CA THR B 245 6.42 -0.55 4.67
C THR B 245 5.73 0.65 5.31
N LEU B 246 6.46 1.76 5.41
CA LEU B 246 5.97 2.97 6.05
C LEU B 246 5.86 4.11 5.05
N GLY B 247 4.80 4.94 5.22
CA GLY B 247 4.73 6.25 4.59
C GLY B 247 5.49 7.30 5.39
N ASP B 248 4.76 8.07 6.20
CA ASP B 248 5.37 9.06 7.09
C ASP B 248 5.85 8.35 8.35
N ALA B 249 7.15 8.02 8.36
CA ALA B 249 7.80 7.44 9.52
C ALA B 249 8.36 8.58 10.36
N HIS B 250 7.93 8.68 11.61
CA HIS B 250 8.23 9.89 12.36
C HIS B 250 8.53 9.58 13.83
N ILE B 251 9.23 10.51 14.45
CA ILE B 251 9.59 10.47 15.87
C ILE B 251 9.15 11.79 16.49
N TYR B 252 8.32 11.72 17.52
CA TYR B 252 7.95 12.95 18.21
C TYR B 252 9.17 13.50 18.94
N LEU B 253 9.31 14.84 18.95
CA LEU B 253 10.55 15.43 19.46
C LEU B 253 10.74 15.09 20.94
N ASN B 254 9.64 14.98 21.69
CA ASN B 254 9.68 14.57 23.08
C ASN B 254 10.16 13.14 23.29
N HIS B 255 10.36 12.36 22.22
CA HIS B 255 10.85 10.99 22.32
C HIS B 255 12.31 10.85 21.89
N ILE B 256 12.98 11.95 21.54
CA ILE B 256 14.30 11.85 20.92
C ILE B 256 15.33 11.31 21.92
N GLU B 257 15.37 11.87 23.12
CA GLU B 257 16.40 11.43 24.07
C GLU B 257 16.13 10.02 24.59
N PRO B 258 14.89 9.65 24.93
CA PRO B 258 14.62 8.23 25.26
C PRO B 258 15.04 7.25 24.19
N LEU B 259 14.76 7.55 22.91
CA LEU B 259 15.17 6.65 21.84
C LEU B 259 16.69 6.61 21.71
N LYS B 260 17.36 7.74 21.96
CA LYS B 260 18.81 7.77 21.87
C LYS B 260 19.43 6.80 22.87
N ILE B 261 18.83 6.68 24.06
CA ILE B 261 19.26 5.67 25.02
C ILE B 261 18.96 4.27 24.50
N GLN B 262 17.71 4.05 24.07
CA GLN B 262 17.30 2.75 23.57
C GLN B 262 18.21 2.27 22.44
N LEU B 263 18.72 3.19 21.62
CA LEU B 263 19.61 2.81 20.55
C LEU B 263 20.92 2.22 21.05
N GLN B 264 21.28 2.47 22.31
CA GLN B 264 22.48 1.89 22.88
C GLN B 264 22.27 0.46 23.36
N ARG B 265 21.01 0.05 23.56
CA ARG B 265 20.71 -1.26 24.11
C ARG B 265 20.92 -2.33 23.05
N GLU B 266 21.62 -3.40 23.42
CA GLU B 266 21.79 -4.52 22.49
C GLU B 266 20.54 -5.39 22.50
N PRO B 267 20.02 -5.79 21.34
CA PRO B 267 18.82 -6.64 21.33
C PRO B 267 19.12 -8.03 21.85
N ARG B 268 18.17 -8.55 22.60
CA ARG B 268 18.16 -9.95 22.99
C ARG B 268 17.51 -10.79 21.89
N PRO B 269 17.84 -12.06 21.79
CA PRO B 269 17.21 -12.89 20.75
C PRO B 269 15.70 -12.83 20.85
N PHE B 270 15.05 -12.75 19.69
CA PHE B 270 13.60 -12.66 19.65
C PHE B 270 12.98 -13.87 20.34
N PRO B 271 11.82 -13.69 20.96
CA PRO B 271 11.11 -14.85 21.54
C PRO B 271 10.56 -15.76 20.47
N LYS B 272 9.90 -16.83 20.88
CA LYS B 272 9.13 -17.68 19.99
C LYS B 272 7.66 -17.49 20.32
N LEU B 273 6.80 -17.68 19.31
CA LEU B 273 5.36 -17.72 19.51
C LEU B 273 4.88 -19.14 19.29
N LYS B 274 4.16 -19.69 20.26
CA LYS B 274 3.64 -21.04 20.21
C LYS B 274 2.12 -20.97 20.16
N ILE B 275 1.53 -21.72 19.23
CA ILE B 275 0.08 -21.90 19.18
C ILE B 275 -0.21 -23.27 19.80
N LEU B 276 -1.01 -23.27 20.86
CA LEU B 276 -1.06 -24.41 21.77
C LEU B 276 -2.09 -25.46 21.39
N ARG B 277 -2.84 -25.27 20.31
CA ARG B 277 -3.76 -26.30 19.84
C ARG B 277 -4.02 -26.07 18.37
N LYS B 278 -4.58 -27.09 17.72
CA LYS B 278 -4.95 -26.98 16.32
C LYS B 278 -6.28 -26.23 16.22
N VAL B 279 -6.23 -25.08 15.57
CA VAL B 279 -7.41 -24.24 15.34
C VAL B 279 -7.77 -24.33 13.86
N GLU B 280 -9.07 -24.45 13.58
CA GLU B 280 -9.56 -24.72 12.23
C GLU B 280 -9.97 -23.46 11.46
N THR B 281 -10.52 -22.46 12.14
CA THR B 281 -10.95 -21.23 11.49
C THR B 281 -10.38 -20.02 12.23
N ILE B 282 -10.22 -18.91 11.50
CA ILE B 282 -9.68 -17.69 12.11
C ILE B 282 -10.56 -17.21 13.25
N ASP B 283 -11.87 -17.44 13.16
CA ASP B 283 -12.78 -17.01 14.23
C ASP B 283 -12.66 -17.83 15.50
N ASP B 284 -12.00 -18.98 15.46
CA ASP B 284 -11.92 -19.86 16.63
C ASP B 284 -10.73 -19.58 17.54
N PHE B 285 -9.79 -18.72 17.14
CA PHE B 285 -8.66 -18.41 17.99
C PHE B 285 -9.12 -17.68 19.25
N LYS B 286 -8.50 -18.03 20.38
CA LYS B 286 -8.72 -17.37 21.66
C LYS B 286 -7.38 -17.02 22.29
N VAL B 287 -7.41 -16.07 23.24
CA VAL B 287 -6.18 -15.61 23.89
C VAL B 287 -5.37 -16.79 24.42
N GLU B 288 -6.05 -17.76 25.03
CA GLU B 288 -5.36 -18.89 25.67
C GLU B 288 -4.66 -19.80 24.69
N ASP B 289 -4.90 -19.63 23.38
CA ASP B 289 -4.24 -20.46 22.40
C ASP B 289 -2.79 -20.03 22.14
N PHE B 290 -2.34 -18.92 22.72
CA PHE B 290 -1.06 -18.33 22.37
C PHE B 290 -0.14 -18.23 23.57
N GLN B 291 1.16 -18.42 23.31
CA GLN B 291 2.15 -18.35 24.36
C GLN B 291 3.43 -17.77 23.78
N ILE B 292 3.88 -16.64 24.33
CA ILE B 292 5.17 -16.07 23.99
C ILE B 292 6.24 -16.73 24.87
N GLU B 293 7.25 -17.33 24.24
CA GLU B 293 8.29 -18.06 24.95
C GLU B 293 9.64 -17.35 24.81
N GLY B 294 10.27 -17.08 25.94
CA GLY B 294 11.63 -16.54 25.91
C GLY B 294 11.72 -15.07 25.65
N TYR B 295 10.72 -14.29 26.07
CA TYR B 295 10.69 -12.85 25.85
C TYR B 295 11.40 -12.16 27.01
N ASN B 296 12.58 -11.61 26.72
CA ASN B 296 13.42 -10.99 27.74
C ASN B 296 13.80 -9.57 27.31
N PRO B 297 12.85 -8.63 27.37
CA PRO B 297 13.14 -7.27 26.92
C PRO B 297 13.82 -6.45 28.00
N HIS B 298 14.52 -5.40 27.54
CA HIS B 298 15.04 -4.37 28.45
C HIS B 298 13.88 -3.60 29.08
N PRO B 299 14.13 -2.90 30.20
CA PRO B 299 13.08 -2.10 30.83
C PRO B 299 12.63 -0.90 29.98
S SO4 C . -1.94 -10.62 -11.86
O1 SO4 C . -2.56 -11.24 -10.70
O2 SO4 C . -2.97 -10.23 -12.82
O3 SO4 C . -1.21 -9.42 -11.45
O4 SO4 C . -1.00 -11.54 -12.47
C16 FGT D . 1.36 -2.15 -16.91
C15 FGT D . 1.40 -2.08 -18.28
C10 FGT D . 1.62 -5.22 -18.07
C11 FGT D . 1.96 -6.45 -17.57
C13 FGT D . 4.25 -6.00 -18.12
C14 FGT D . 3.88 -4.77 -18.63
C1 FGT D . 1.54 -3.48 -21.38
C12 FGT D . 3.28 -6.83 -17.59
C17 FGT D . 0.62 -1.22 -16.20
C18 FGT D . -0.07 -0.24 -16.86
C19 FGT D . -0.04 -0.16 -18.24
C2 FGT D . 2.14 -3.04 -19.15
C20 FGT D . 0.69 -1.09 -18.93
C3 FGT D . 3.06 -2.36 -20.10
C4 FGT D . 4.14 -1.55 -19.87
C5 FGT D . 4.80 -1.06 -20.97
C6 FGT D . 4.42 -1.34 -22.27
C7 FGT D . 3.35 -2.16 -22.51
C8 FGT D . 2.71 -2.63 -21.38
C9 FGT D . 2.56 -4.35 -18.59
O1 FGT D . 0.97 -3.96 -22.34
O2 FGT D . 1.15 -3.53 -20.06
O3 FGT D . 3.65 -8.06 -17.10
O4 FGT D . -0.83 0.69 -16.16
S DMS E . 14.59 1.31 -29.30
O DMS E . 15.35 2.31 -28.47
C1 DMS E . 15.75 0.26 -30.21
C2 DMS E . 13.82 0.08 -28.20
S DMS F . -2.41 -2.95 -18.98
O DMS F . -1.55 -2.81 -17.77
C1 DMS F . -1.75 -4.27 -20.05
C2 DMS F . -3.91 -3.82 -18.49
S SO4 G . -2.68 10.73 11.69
O1 SO4 G . -2.07 10.51 13.00
O2 SO4 G . -3.92 9.97 11.60
O3 SO4 G . -2.94 12.15 11.53
O4 SO4 G . -1.73 10.30 10.67
#